data_4U6Y
#
_entry.id   4U6Y
#
_cell.length_a   50.884
_cell.length_b   79.766
_cell.length_c   54.840
_cell.angle_alpha   90.00
_cell.angle_beta   111.75
_cell.angle_gamma   90.00
#
_symmetry.space_group_name_H-M   'P 1 21 1'
#
loop_
_entity.id
_entity.type
_entity.pdbx_description
1 polymer 'HLA class I histocompatibility antigen, A-2 alpha chain'
2 polymer Beta-2-microglobulin
3 polymer 'FLNKD peptide, FLNKDLEVDGHFVTM'
4 non-polymer DI(HYDROXYETHYL)ETHER
5 non-polymer 'CHLORIDE ION'
6 water water
#
loop_
_entity_poly.entity_id
_entity_poly.type
_entity_poly.pdbx_seq_one_letter_code
_entity_poly.pdbx_strand_id
1 'polypeptide(L)'
;GSHSMRYFFTSVSRPGRGEPRFIAVGYVDDTQFVRFDSDAASQRMEPRAPWIEQEGPEYWDGETRKVKAHSQTHRVDLGT
LRGYYNQSEAGSHTVQRMYGCDVGSDWRFLRGYHQYAYDGKDYIALKEDLRSWTAADMAAQTTKHKWEAAHVAEQLRAYL
EGTCVEWLRRYLENGKETLQRTDAPKTHMTHHAVSDHEATLRCWALSFYPAEITLTWQRDGEDQTQDTELVETRPAGDGT
FQKWAAVVVPSGQEQRYTCHVQHEGLPKPLTLRWEP
;
A
2 'polypeptide(L)'
;MIQRTPKIQVYSRHPAENGKSNFLNCYVSGFHPSDIEVDLLKNGERIEKVEHSDLSFSKDWSFYLLYYTEFTPTEKDEYA
CRVNHVTLSQPKIVKWDRDM
;
B
3 'polypeptide(L)' FLNKDLEVDGHFVTM P
#
# COMPACT_ATOMS: atom_id res chain seq x y z
N GLY A 1 0.84 -17.35 -12.40
CA GLY A 1 0.15 -17.03 -11.18
C GLY A 1 -0.96 -16.07 -11.56
N SER A 2 -1.76 -15.72 -10.58
CA SER A 2 -2.84 -14.79 -10.84
C SER A 2 -2.28 -13.36 -10.91
N HIS A 3 -3.09 -12.45 -11.42
CA HIS A 3 -2.77 -11.02 -11.37
C HIS A 3 -3.98 -10.25 -10.95
N SER A 4 -3.76 -9.05 -10.44
N SER A 4 -3.76 -9.05 -10.43
CA SER A 4 -4.83 -8.22 -9.90
CA SER A 4 -4.87 -8.26 -9.92
C SER A 4 -4.76 -6.80 -10.41
C SER A 4 -4.81 -6.85 -10.46
N MET A 5 -5.96 -6.22 -10.61
N MET A 5 -5.98 -6.19 -10.52
CA MET A 5 -6.10 -4.77 -10.77
CA MET A 5 -6.04 -4.75 -10.75
C MET A 5 -6.86 -4.30 -9.54
C MET A 5 -6.96 -4.17 -9.69
N ARG A 6 -6.42 -3.21 -8.94
CA ARG A 6 -7.15 -2.67 -7.79
C ARG A 6 -7.09 -1.17 -7.83
N TYR A 7 -8.20 -0.55 -7.47
CA TYR A 7 -8.24 0.86 -7.18
C TYR A 7 -8.57 1.09 -5.72
N PHE A 8 -7.88 2.07 -5.14
CA PHE A 8 -8.02 2.44 -3.73
C PHE A 8 -8.36 3.91 -3.64
N PHE A 9 -9.49 4.22 -3.01
CA PHE A 9 -9.98 5.58 -2.94
C PHE A 9 -10.12 6.00 -1.50
N THR A 10 -9.67 7.23 -1.20
CA THR A 10 -9.79 7.78 0.16
C THR A 10 -10.36 9.19 0.06
N SER A 11 -11.46 9.44 0.76
N SER A 11 -11.48 9.40 0.74
CA SER A 11 -12.05 10.77 0.82
CA SER A 11 -12.05 10.73 0.92
C SER A 11 -12.20 11.16 2.27
C SER A 11 -12.05 11.11 2.38
N VAL A 12 -11.69 12.34 2.63
CA VAL A 12 -11.66 12.81 4.02
C VAL A 12 -12.32 14.14 4.12
N SER A 13 -13.34 14.25 4.95
CA SER A 13 -14.06 15.54 5.07
C SER A 13 -13.24 16.59 5.80
N ARG A 14 -13.51 17.84 5.45
CA ARG A 14 -12.79 19.00 6.02
C ARG A 14 -13.82 19.92 6.59
N PRO A 15 -14.19 19.68 7.84
CA PRO A 15 -15.32 20.37 8.45
C PRO A 15 -15.11 21.86 8.63
N GLY A 16 -13.87 22.31 8.69
CA GLY A 16 -13.60 23.73 8.91
C GLY A 16 -13.86 24.58 7.66
N ARG A 17 -13.56 24.03 6.48
CA ARG A 17 -13.79 24.74 5.25
C ARG A 17 -13.65 23.83 4.07
N GLY A 18 -14.58 23.86 3.11
CA GLY A 18 -14.38 23.26 1.80
C GLY A 18 -14.84 21.82 1.70
N GLU A 19 -14.54 21.21 0.56
N GLU A 19 -14.56 21.21 0.55
CA GLU A 19 -15.05 19.88 0.28
CA GLU A 19 -15.06 19.87 0.30
C GLU A 19 -13.99 18.85 0.61
C GLU A 19 -13.99 18.85 0.63
N PRO A 20 -14.36 17.57 0.59
CA PRO A 20 -13.40 16.58 1.05
C PRO A 20 -12.15 16.47 0.17
N ARG A 21 -11.04 16.09 0.79
CA ARG A 21 -9.79 15.76 0.07
C ARG A 21 -9.98 14.34 -0.48
N PHE A 22 -9.78 14.15 -1.78
CA PHE A 22 -9.96 12.87 -2.42
C PHE A 22 -8.67 12.42 -3.10
N ILE A 23 -8.23 11.19 -2.80
CA ILE A 23 -7.04 10.59 -3.41
C ILE A 23 -7.46 9.24 -3.96
N ALA A 24 -7.12 8.95 -5.24
CA ALA A 24 -7.39 7.67 -5.87
C ALA A 24 -6.06 7.16 -6.41
N VAL A 25 -5.79 5.90 -6.17
CA VAL A 25 -4.62 5.23 -6.76
C VAL A 25 -5.01 3.91 -7.39
N GLY A 26 -4.39 3.59 -8.53
CA GLY A 26 -4.65 2.33 -9.22
C GLY A 26 -3.40 1.47 -9.19
N TYR A 27 -3.56 0.15 -8.99
CA TYR A 27 -2.47 -0.81 -9.01
C TYR A 27 -2.75 -1.96 -9.93
N VAL A 28 -1.69 -2.48 -10.56
CA VAL A 28 -1.68 -3.83 -11.10
C VAL A 28 -0.72 -4.59 -10.23
N ASP A 29 -1.20 -5.63 -9.55
CA ASP A 29 -0.37 -6.35 -8.60
C ASP A 29 0.23 -5.37 -7.57
N ASP A 30 1.54 -5.36 -7.38
CA ASP A 30 2.16 -4.42 -6.45
C ASP A 30 2.76 -3.19 -7.11
N THR A 31 2.29 -2.89 -8.31
CA THR A 31 2.76 -1.72 -9.05
C THR A 31 1.70 -0.65 -9.18
N GLN A 32 1.95 0.52 -8.60
CA GLN A 32 1.01 1.64 -8.80
C GLN A 32 1.14 2.16 -10.25
N PHE A 33 0.02 2.45 -10.91
CA PHE A 33 0.09 2.92 -12.27
C PHE A 33 -0.62 4.23 -12.57
N VAL A 34 -1.55 4.63 -11.71
CA VAL A 34 -2.20 5.95 -11.89
C VAL A 34 -2.51 6.53 -10.52
N ARG A 35 -2.73 7.83 -10.52
N ARG A 35 -2.73 7.83 -10.53
CA ARG A 35 -3.20 8.56 -9.33
CA ARG A 35 -3.13 8.55 -9.33
C ARG A 35 -4.10 9.72 -9.74
C ARG A 35 -3.99 9.77 -9.67
N PHE A 36 -4.89 10.12 -8.76
CA PHE A 36 -5.59 11.40 -8.80
C PHE A 36 -5.57 11.98 -7.41
N ASP A 37 -5.33 13.28 -7.28
CA ASP A 37 -5.37 13.92 -5.96
C ASP A 37 -6.10 15.22 -6.18
N SER A 38 -7.19 15.38 -5.46
CA SER A 38 -8.01 16.58 -5.60
C SER A 38 -7.24 17.85 -5.20
N ASP A 39 -6.16 17.70 -4.46
CA ASP A 39 -5.39 18.88 -4.04
C ASP A 39 -4.34 19.29 -5.04
N ALA A 40 -4.14 18.48 -6.06
CA ALA A 40 -3.11 18.79 -7.05
C ALA A 40 -3.66 19.74 -8.10
N ALA A 41 -2.78 20.42 -8.84
CA ALA A 41 -3.22 21.42 -9.82
C ALA A 41 -3.83 20.86 -11.10
N SER A 42 -3.40 19.69 -11.54
CA SER A 42 -3.81 19.25 -12.85
C SER A 42 -5.29 18.91 -12.94
N GLN A 43 -5.87 18.43 -11.83
CA GLN A 43 -7.24 17.92 -11.82
C GLN A 43 -7.41 16.81 -12.83
N ARG A 44 -6.33 16.07 -13.06
CA ARG A 44 -6.32 14.96 -14.01
C ARG A 44 -5.87 13.65 -13.35
N MET A 45 -6.36 12.55 -13.88
CA MET A 45 -5.71 11.30 -13.65
C MET A 45 -4.34 11.35 -14.33
N GLU A 46 -3.32 10.97 -13.56
N GLU A 46 -3.36 10.89 -13.55
CA GLU A 46 -1.95 11.06 -14.05
CA GLU A 46 -1.96 11.03 -13.90
C GLU A 46 -1.22 9.71 -13.97
C GLU A 46 -1.28 9.63 -14.00
N PRO A 47 -0.32 9.46 -14.92
CA PRO A 47 0.42 8.19 -14.97
C PRO A 47 1.47 8.10 -13.90
N ARG A 48 1.67 6.87 -13.40
CA ARG A 48 2.70 6.63 -12.41
C ARG A 48 3.57 5.41 -12.77
N ALA A 49 3.33 4.81 -13.93
CA ALA A 49 4.20 3.73 -14.47
C ALA A 49 4.36 3.99 -15.97
N PRO A 50 5.49 3.62 -16.55
CA PRO A 50 5.71 4.04 -17.92
C PRO A 50 4.73 3.37 -18.90
N TRP A 51 4.32 2.15 -18.63
CA TRP A 51 3.54 1.39 -19.58
C TRP A 51 2.12 1.91 -19.77
N ILE A 52 1.63 2.69 -18.81
CA ILE A 52 0.31 3.24 -18.98
C ILE A 52 0.36 4.46 -19.90
N GLU A 53 1.55 4.99 -20.13
CA GLU A 53 1.65 6.12 -21.08
C GLU A 53 1.45 5.69 -22.54
N GLN A 54 1.36 4.39 -22.77
CA GLN A 54 1.02 3.85 -24.09
C GLN A 54 -0.42 4.19 -24.46
N GLU A 55 -1.25 4.56 -23.49
CA GLU A 55 -2.64 4.84 -23.78
C GLU A 55 -2.79 6.23 -24.39
N GLY A 56 -3.80 6.42 -25.25
CA GLY A 56 -3.96 7.68 -25.97
C GLY A 56 -4.64 8.77 -25.15
N PRO A 57 -4.84 9.94 -25.77
N PRO A 57 -4.83 9.95 -25.75
CA PRO A 57 -5.39 11.06 -25.01
CA PRO A 57 -5.40 11.06 -25.00
C PRO A 57 -6.80 10.78 -24.52
C PRO A 57 -6.81 10.77 -24.50
N GLU A 58 -7.53 9.95 -25.24
CA GLU A 58 -8.91 9.62 -24.86
C GLU A 58 -8.92 8.86 -23.53
N TYR A 59 -7.87 8.09 -23.26
CA TYR A 59 -7.83 7.34 -22.03
C TYR A 59 -7.74 8.30 -20.85
N TRP A 60 -6.86 9.28 -20.92
CA TRP A 60 -6.68 10.21 -19.83
C TRP A 60 -7.93 11.06 -19.64
N ASP A 61 -8.57 11.49 -20.72
CA ASP A 61 -9.80 12.28 -20.56
C ASP A 61 -10.87 11.40 -19.88
N GLY A 62 -11.01 10.13 -20.30
CA GLY A 62 -12.04 9.28 -19.74
C GLY A 62 -11.81 8.93 -18.28
N GLU A 63 -10.58 8.59 -17.96
CA GLU A 63 -10.29 8.25 -16.56
C GLU A 63 -10.40 9.47 -15.66
N THR A 64 -10.08 10.66 -16.17
CA THR A 64 -10.28 11.87 -15.38
C THR A 64 -11.76 12.11 -15.14
N ARG A 65 -12.59 11.95 -16.17
N ARG A 65 -12.59 11.95 -16.17
CA ARG A 65 -14.02 12.15 -15.98
CA ARG A 65 -14.02 12.14 -15.99
C ARG A 65 -14.53 11.17 -14.94
C ARG A 65 -14.54 11.17 -14.96
N LYS A 66 -14.15 9.90 -15.07
CA LYS A 66 -14.65 8.92 -14.14
C LYS A 66 -14.14 9.15 -12.70
N VAL A 67 -12.87 9.55 -12.55
CA VAL A 67 -12.33 9.67 -11.19
C VAL A 67 -12.96 10.89 -10.52
N LYS A 68 -13.18 11.96 -11.27
CA LYS A 68 -13.83 13.14 -10.69
C LYS A 68 -15.27 12.77 -10.30
N ALA A 69 -15.97 11.93 -11.08
CA ALA A 69 -17.31 11.48 -10.68
C ALA A 69 -17.22 10.67 -9.41
N HIS A 70 -16.25 9.78 -9.30
N HIS A 70 -16.25 9.78 -9.32
CA HIS A 70 -16.07 9.03 -8.06
CA HIS A 70 -16.05 8.99 -8.08
C HIS A 70 -15.82 9.97 -6.87
C HIS A 70 -15.87 9.93 -6.89
N SER A 71 -15.08 11.06 -7.08
N SER A 71 -15.11 11.00 -7.08
CA SER A 71 -14.87 12.01 -5.96
CA SER A 71 -14.87 11.99 -6.01
C SER A 71 -16.20 12.60 -5.47
C SER A 71 -16.17 12.62 -5.49
N GLN A 72 -17.10 12.93 -6.40
CA GLN A 72 -18.40 13.46 -6.00
C GLN A 72 -19.19 12.40 -5.26
N THR A 73 -19.16 11.15 -5.74
CA THR A 73 -19.89 10.12 -5.01
C THR A 73 -19.37 9.95 -3.59
N HIS A 74 -18.05 10.04 -3.39
CA HIS A 74 -17.53 9.90 -2.02
C HIS A 74 -17.95 11.11 -1.17
N ARG A 75 -18.01 12.33 -1.75
CA ARG A 75 -18.45 13.49 -1.02
C ARG A 75 -19.90 13.31 -0.56
N VAL A 76 -20.75 12.82 -1.45
CA VAL A 76 -22.14 12.52 -1.10
C VAL A 76 -22.21 11.48 0.01
N ASP A 77 -21.43 10.41 -0.14
CA ASP A 77 -21.46 9.34 0.87
C ASP A 77 -20.99 9.82 2.24
N LEU A 78 -19.99 10.70 2.30
CA LEU A 78 -19.58 11.26 3.59
C LEU A 78 -20.77 11.98 4.25
N GLY A 79 -21.54 12.72 3.46
CA GLY A 79 -22.69 13.43 4.01
C GLY A 79 -23.76 12.46 4.49
N THR A 80 -24.02 11.44 3.69
CA THR A 80 -25.08 10.51 3.99
C THR A 80 -24.74 9.76 5.26
N LEU A 81 -23.51 9.26 5.36
N LEU A 81 -23.49 9.28 5.35
CA LEU A 81 -23.12 8.47 6.53
CA LEU A 81 -23.05 8.49 6.51
C LEU A 81 -23.02 9.30 7.80
C LEU A 81 -23.03 9.30 7.78
N ARG A 82 -22.67 10.57 7.70
CA ARG A 82 -22.72 11.45 8.85
C ARG A 82 -24.15 11.41 9.40
N GLY A 83 -25.16 11.44 8.52
CA GLY A 83 -26.54 11.37 8.93
C GLY A 83 -26.90 10.01 9.50
N TYR A 84 -26.50 8.93 8.86
CA TYR A 84 -26.84 7.58 9.33
C TYR A 84 -26.28 7.34 10.71
N TYR A 85 -25.10 7.90 10.99
CA TYR A 85 -24.45 7.73 12.30
C TYR A 85 -24.79 8.82 13.30
N ASN A 86 -25.67 9.75 12.90
CA ASN A 86 -26.09 10.86 13.79
C ASN A 86 -24.87 11.58 14.32
N GLN A 87 -23.95 11.92 13.43
CA GLN A 87 -22.78 12.64 13.84
C GLN A 87 -22.89 14.12 13.55
N SER A 88 -22.14 14.90 14.30
CA SER A 88 -22.22 16.33 14.05
C SER A 88 -21.40 16.75 12.85
N GLU A 89 -21.55 17.99 12.44
CA GLU A 89 -20.77 18.55 11.36
C GLU A 89 -19.36 18.96 11.74
N ALA A 90 -19.01 18.83 13.00
CA ALA A 90 -17.74 19.36 13.50
C ALA A 90 -16.55 18.44 13.24
N GLY A 91 -16.79 17.14 13.08
CA GLY A 91 -15.67 16.22 13.00
C GLY A 91 -15.27 15.85 11.59
N SER A 92 -14.01 15.47 11.40
CA SER A 92 -13.60 14.92 10.09
C SER A 92 -13.85 13.41 10.06
N HIS A 93 -14.33 12.93 8.92
CA HIS A 93 -14.56 11.50 8.72
C HIS A 93 -14.02 11.05 7.37
N THR A 94 -13.91 9.74 7.22
CA THR A 94 -13.23 9.15 6.07
C THR A 94 -14.10 8.09 5.42
N VAL A 95 -14.24 8.13 4.11
CA VAL A 95 -14.84 7.02 3.38
C VAL A 95 -13.73 6.47 2.52
N GLN A 96 -13.49 5.17 2.63
CA GLN A 96 -12.57 4.45 1.74
C GLN A 96 -13.33 3.45 0.91
N ARG A 97 -12.90 3.29 -0.34
N ARG A 97 -12.86 3.26 -0.32
CA ARG A 97 -13.45 2.27 -1.23
CA ARG A 97 -13.46 2.29 -1.24
C ARG A 97 -12.28 1.54 -1.87
C ARG A 97 -12.32 1.55 -1.94
N MET A 98 -12.44 0.25 -2.10
CA MET A 98 -11.51 -0.49 -2.92
C MET A 98 -12.32 -1.32 -3.89
N TYR A 99 -11.93 -1.44 -5.12
CA TYR A 99 -12.58 -2.38 -6.03
C TYR A 99 -11.58 -2.88 -7.04
N GLY A 100 -11.93 -3.99 -7.70
CA GLY A 100 -11.04 -4.49 -8.75
C GLY A 100 -11.26 -5.96 -8.96
N CYS A 101 -10.35 -6.55 -9.75
CA CYS A 101 -10.54 -7.90 -10.20
C CYS A 101 -9.24 -8.65 -10.26
N ASP A 102 -9.31 -9.97 -10.22
CA ASP A 102 -8.14 -10.78 -10.45
C ASP A 102 -8.40 -11.65 -11.66
N VAL A 103 -7.33 -11.95 -12.42
N VAL A 103 -7.32 -12.01 -12.35
CA VAL A 103 -7.35 -13.01 -13.44
CA VAL A 103 -7.35 -12.95 -13.47
C VAL A 103 -6.47 -14.13 -12.94
C VAL A 103 -6.39 -14.09 -13.12
N GLY A 104 -6.84 -15.33 -13.34
CA GLY A 104 -6.06 -16.49 -13.00
C GLY A 104 -4.87 -16.72 -13.91
N SER A 105 -4.14 -17.79 -13.62
CA SER A 105 -3.09 -18.26 -14.49
C SER A 105 -3.66 -18.63 -15.84
N ASP A 106 -4.97 -18.90 -15.92
CA ASP A 106 -5.63 -19.22 -17.17
C ASP A 106 -6.04 -18.00 -18.00
N TRP A 107 -5.74 -16.82 -17.48
CA TRP A 107 -6.03 -15.54 -18.14
C TRP A 107 -7.54 -15.22 -18.12
N ARG A 108 -8.31 -15.93 -17.30
CA ARG A 108 -9.74 -15.68 -17.19
C ARG A 108 -10.05 -15.07 -15.83
N PHE A 109 -11.20 -14.42 -15.74
CA PHE A 109 -11.72 -13.90 -14.46
C PHE A 109 -11.56 -14.93 -13.35
N LEU A 110 -11.07 -14.46 -12.21
CA LEU A 110 -10.93 -15.33 -11.05
C LEU A 110 -11.79 -14.84 -9.90
N ARG A 111 -11.73 -13.54 -9.62
CA ARG A 111 -12.53 -12.96 -8.56
C ARG A 111 -12.66 -11.45 -8.67
N GLY A 112 -13.71 -10.92 -8.06
CA GLY A 112 -13.92 -9.49 -8.01
C GLY A 112 -14.19 -8.99 -6.61
N TYR A 113 -13.91 -7.70 -6.41
CA TYR A 113 -14.14 -7.02 -5.13
C TYR A 113 -14.71 -5.64 -5.31
N HIS A 114 -15.52 -5.23 -4.33
CA HIS A 114 -16.05 -3.86 -4.31
C HIS A 114 -16.49 -3.62 -2.90
N GLN A 115 -15.71 -2.89 -2.12
CA GLN A 115 -16.06 -2.72 -0.71
C GLN A 115 -15.66 -1.39 -0.14
N TYR A 116 -16.30 -1.08 0.98
CA TYR A 116 -16.18 0.24 1.58
C TYR A 116 -15.92 0.19 3.08
N ALA A 117 -15.23 1.20 3.58
CA ALA A 117 -15.10 1.46 5.02
C ALA A 117 -15.47 2.87 5.36
N TYR A 118 -15.99 3.05 6.57
CA TYR A 118 -16.23 4.37 7.14
C TYR A 118 -15.45 4.51 8.42
N ASP A 119 -14.64 5.58 8.53
CA ASP A 119 -13.77 5.77 9.66
C ASP A 119 -12.91 4.56 9.97
N GLY A 120 -12.45 3.91 8.90
CA GLY A 120 -11.49 2.82 9.02
C GLY A 120 -12.06 1.47 9.46
N LYS A 121 -13.37 1.34 9.45
CA LYS A 121 -14.07 0.10 9.77
C LYS A 121 -14.94 -0.33 8.61
N ASP A 122 -15.03 -1.65 8.42
CA ASP A 122 -15.87 -2.21 7.36
C ASP A 122 -17.24 -1.59 7.44
N TYR A 123 -17.76 -1.23 6.26
CA TYR A 123 -19.12 -0.71 6.15
C TYR A 123 -20.00 -1.63 5.30
N ILE A 124 -19.71 -1.75 4.00
CA ILE A 124 -20.47 -2.69 3.15
C ILE A 124 -19.51 -3.28 2.12
N ALA A 125 -19.70 -4.54 1.77
CA ALA A 125 -18.85 -5.23 0.81
C ALA A 125 -19.68 -6.12 -0.11
N LEU A 126 -19.31 -6.18 -1.37
CA LEU A 126 -19.93 -7.08 -2.30
C LEU A 126 -19.37 -8.45 -1.96
N LYS A 127 -20.23 -9.48 -1.85
CA LYS A 127 -19.75 -10.82 -1.56
C LYS A 127 -19.10 -11.48 -2.79
N GLU A 128 -18.47 -12.61 -2.57
CA GLU A 128 -17.69 -13.23 -3.64
C GLU A 128 -18.53 -13.63 -4.87
N ASP A 129 -19.80 -13.97 -4.66
CA ASP A 129 -20.72 -14.28 -5.77
C ASP A 129 -21.08 -13.07 -6.65
N LEU A 130 -20.65 -11.90 -6.20
CA LEU A 130 -20.93 -10.61 -6.87
C LEU A 130 -22.42 -10.35 -7.06
N ARG A 131 -23.23 -10.96 -6.20
CA ARG A 131 -24.69 -10.91 -6.38
C ARG A 131 -25.36 -10.45 -5.09
N SER A 132 -24.59 -10.29 -4.01
CA SER A 132 -25.18 -9.99 -2.69
C SER A 132 -24.20 -9.19 -1.87
N TRP A 133 -24.71 -8.59 -0.80
CA TRP A 133 -23.94 -7.67 0.00
C TRP A 133 -23.77 -8.08 1.45
N THR A 134 -22.63 -7.71 2.06
CA THR A 134 -22.40 -7.88 3.49
C THR A 134 -22.30 -6.52 4.18
N ALA A 135 -23.25 -6.28 5.08
CA ALA A 135 -23.33 -5.04 5.86
C ALA A 135 -22.77 -5.30 7.24
N ALA A 136 -21.80 -4.47 7.64
CA ALA A 136 -21.12 -4.71 8.94
C ALA A 136 -21.94 -4.32 10.17
N ASP A 137 -22.87 -3.36 10.03
CA ASP A 137 -23.64 -2.81 11.12
C ASP A 137 -25.04 -2.42 10.65
N MET A 138 -25.87 -1.88 11.54
CA MET A 138 -27.23 -1.55 11.17
C MET A 138 -27.32 -0.34 10.26
N ALA A 139 -26.39 0.61 10.38
CA ALA A 139 -26.35 1.69 9.39
C ALA A 139 -26.19 1.16 7.99
N ALA A 140 -25.27 0.23 7.82
CA ALA A 140 -25.02 -0.29 6.48
C ALA A 140 -26.21 -1.09 5.97
N GLN A 141 -27.10 -1.57 6.83
CA GLN A 141 -28.33 -2.20 6.34
C GLN A 141 -29.14 -1.27 5.47
N THR A 142 -29.11 0.02 5.78
CA THR A 142 -29.84 0.98 4.96
C THR A 142 -29.30 0.95 3.54
N THR A 143 -27.96 0.97 3.40
CA THR A 143 -27.35 0.97 2.09
C THR A 143 -27.61 -0.35 1.39
N LYS A 144 -27.50 -1.45 2.14
N LYS A 144 -27.46 -1.44 2.15
CA LYS A 144 -27.74 -2.77 1.59
CA LYS A 144 -27.64 -2.76 1.59
C LYS A 144 -29.17 -2.85 1.03
C LYS A 144 -29.03 -2.84 0.96
N HIS A 145 -30.15 -2.33 1.75
N HIS A 145 -30.05 -2.41 1.69
CA HIS A 145 -31.51 -2.38 1.21
CA HIS A 145 -31.41 -2.50 1.16
C HIS A 145 -31.61 -1.56 -0.06
C HIS A 145 -31.67 -1.55 -0.02
N LYS A 146 -31.06 -0.36 -0.02
CA LYS A 146 -31.15 0.57 -1.17
C LYS A 146 -30.52 -0.09 -2.40
N TRP A 147 -29.39 -0.74 -2.19
CA TRP A 147 -28.67 -1.36 -3.32
C TRP A 147 -29.32 -2.63 -3.81
N GLU A 148 -29.93 -3.39 -2.92
CA GLU A 148 -30.72 -4.52 -3.38
C GLU A 148 -31.92 -4.08 -4.19
N ALA A 149 -32.59 -3.01 -3.75
CA ALA A 149 -33.80 -2.54 -4.44
C ALA A 149 -33.48 -1.94 -5.78
N ALA A 150 -32.28 -1.39 -5.90
CA ALA A 150 -31.86 -0.76 -7.13
C ALA A 150 -31.19 -1.79 -8.08
N HIS A 151 -30.96 -3.01 -7.58
CA HIS A 151 -30.29 -4.07 -8.36
C HIS A 151 -28.98 -3.61 -8.94
N VAL A 152 -28.18 -2.96 -8.12
CA VAL A 152 -26.91 -2.44 -8.60
C VAL A 152 -25.80 -3.50 -8.63
N ALA A 153 -25.91 -4.59 -7.88
CA ALA A 153 -24.88 -5.65 -8.01
C ALA A 153 -24.67 -6.13 -9.46
N GLU A 154 -25.73 -6.21 -10.26
CA GLU A 154 -25.59 -6.69 -11.65
C GLU A 154 -24.61 -5.87 -12.48
N GLN A 155 -24.69 -4.55 -12.40
CA GLN A 155 -23.80 -3.74 -13.20
C GLN A 155 -22.38 -3.83 -12.63
N LEU A 156 -22.22 -4.03 -11.33
CA LEU A 156 -20.89 -4.17 -10.77
C LEU A 156 -20.31 -5.47 -11.25
N ARG A 157 -21.08 -6.53 -11.20
CA ARG A 157 -20.60 -7.84 -11.68
C ARG A 157 -20.17 -7.73 -13.15
N ALA A 158 -20.96 -7.02 -13.95
CA ALA A 158 -20.63 -6.84 -15.37
C ALA A 158 -19.27 -6.20 -15.57
N TYR A 159 -19.01 -5.12 -14.85
CA TYR A 159 -17.70 -4.51 -14.86
C TYR A 159 -16.64 -5.46 -14.35
N LEU A 160 -16.83 -6.08 -13.19
CA LEU A 160 -15.76 -6.90 -12.60
C LEU A 160 -15.39 -8.13 -13.41
N GLU A 161 -16.34 -8.78 -14.07
CA GLU A 161 -16.07 -10.00 -14.83
C GLU A 161 -15.74 -9.67 -16.25
N GLY A 162 -16.01 -8.45 -16.69
CA GLY A 162 -15.91 -8.10 -18.09
C GLY A 162 -14.84 -7.04 -18.27
N THR A 163 -15.25 -5.79 -18.29
CA THR A 163 -14.39 -4.66 -18.54
C THR A 163 -13.11 -4.69 -17.70
N CYS A 164 -13.23 -4.95 -16.41
CA CYS A 164 -12.08 -4.93 -15.54
C CYS A 164 -11.05 -5.96 -16.02
N VAL A 165 -11.48 -7.18 -16.29
CA VAL A 165 -10.56 -8.23 -16.75
C VAL A 165 -9.96 -7.87 -18.09
N GLU A 166 -10.77 -7.33 -18.99
CA GLU A 166 -10.26 -6.97 -20.32
C GLU A 166 -9.13 -5.95 -20.19
N TRP A 167 -9.30 -4.92 -19.36
CA TRP A 167 -8.26 -3.89 -19.23
C TRP A 167 -7.07 -4.40 -18.45
N LEU A 168 -7.29 -5.28 -17.48
CA LEU A 168 -6.15 -5.89 -16.78
C LEU A 168 -5.29 -6.66 -17.76
N ARG A 169 -5.92 -7.43 -18.64
CA ARG A 169 -5.17 -8.20 -19.65
C ARG A 169 -4.41 -7.24 -20.54
N ARG A 170 -5.00 -6.12 -20.97
CA ARG A 170 -4.32 -5.17 -21.80
C ARG A 170 -3.10 -4.61 -21.09
N TYR A 171 -3.27 -4.25 -19.81
CA TYR A 171 -2.17 -3.66 -19.07
C TYR A 171 -1.02 -4.66 -18.91
N LEU A 172 -1.36 -5.90 -18.60
CA LEU A 172 -0.35 -6.94 -18.43
C LEU A 172 0.47 -7.11 -19.69
N GLU A 173 -0.17 -7.12 -20.84
CA GLU A 173 0.57 -7.24 -22.10
C GLU A 173 1.40 -5.97 -22.37
N ASN A 174 0.81 -4.80 -22.21
CA ASN A 174 1.54 -3.57 -22.51
C ASN A 174 2.73 -3.36 -21.60
N GLY A 175 2.56 -3.79 -20.37
CA GLY A 175 3.58 -3.64 -19.36
C GLY A 175 4.35 -4.91 -19.13
N LYS A 176 4.35 -5.86 -20.07
CA LYS A 176 4.89 -7.18 -19.77
C LYS A 176 6.34 -7.18 -19.28
N GLU A 177 7.17 -6.25 -19.79
CA GLU A 177 8.59 -6.26 -19.44
C GLU A 177 8.81 -6.07 -17.95
N THR A 178 7.88 -5.40 -17.26
CA THR A 178 7.97 -5.37 -15.80
C THR A 178 6.84 -6.15 -15.10
N LEU A 179 5.59 -5.89 -15.48
CA LEU A 179 4.48 -6.52 -14.77
C LEU A 179 4.51 -8.07 -14.72
N GLN A 180 5.08 -8.68 -15.76
N GLN A 180 5.00 -8.68 -15.81
CA GLN A 180 5.11 -10.13 -15.86
CA GLN A 180 5.05 -10.13 -15.92
C GLN A 180 6.52 -10.65 -15.69
C GLN A 180 6.39 -10.68 -15.40
N ARG A 181 7.36 -9.80 -15.09
CA ARG A 181 8.72 -10.19 -14.67
C ARG A 181 8.71 -10.40 -13.17
N THR A 182 9.27 -11.49 -12.67
CA THR A 182 9.48 -11.60 -11.22
C THR A 182 10.94 -11.21 -10.97
N ASP A 183 11.17 -10.49 -9.88
CA ASP A 183 12.52 -10.17 -9.42
C ASP A 183 12.80 -10.97 -8.16
N ALA A 184 13.61 -12.02 -8.28
CA ALA A 184 13.96 -12.83 -7.13
C ALA A 184 14.75 -12.01 -6.14
N PRO A 185 14.56 -12.25 -4.85
CA PRO A 185 15.35 -11.45 -3.90
C PRO A 185 16.85 -11.72 -4.00
N LYS A 186 17.61 -10.64 -3.89
N LYS A 186 17.60 -10.66 -3.91
CA LYS A 186 19.07 -10.73 -3.77
CA LYS A 186 19.04 -10.75 -3.71
C LYS A 186 19.32 -10.94 -2.27
C LYS A 186 19.30 -10.94 -2.21
N THR A 187 19.90 -12.07 -1.89
CA THR A 187 19.99 -12.43 -0.48
C THR A 187 21.41 -12.47 0.00
N HIS A 188 21.61 -12.04 1.25
CA HIS A 188 22.92 -12.13 1.92
C HIS A 188 22.74 -12.09 3.42
N MET A 189 23.78 -12.49 4.14
CA MET A 189 23.78 -12.50 5.58
C MET A 189 24.83 -11.56 6.09
N THR A 190 24.48 -10.77 7.12
CA THR A 190 25.49 -9.96 7.82
C THR A 190 25.66 -10.48 9.24
N HIS A 191 26.79 -10.13 9.86
CA HIS A 191 27.19 -10.74 11.14
C HIS A 191 27.76 -9.58 11.94
N HIS A 192 27.22 -9.37 13.13
CA HIS A 192 27.58 -8.23 13.98
C HIS A 192 27.85 -8.80 15.37
N ALA A 193 29.03 -8.61 15.95
CA ALA A 193 29.17 -9.00 17.37
C ALA A 193 28.36 -8.04 18.28
N VAL A 194 27.67 -8.58 19.27
CA VAL A 194 27.04 -7.72 20.27
C VAL A 194 27.78 -7.83 21.60
N SER A 195 28.74 -8.73 21.67
CA SER A 195 29.59 -8.91 22.82
C SER A 195 30.70 -9.84 22.35
N ASP A 196 31.59 -10.26 23.25
CA ASP A 196 32.59 -11.26 22.91
C ASP A 196 32.01 -12.66 22.82
N HIS A 197 30.72 -12.81 23.16
CA HIS A 197 30.16 -14.16 23.31
C HIS A 197 28.90 -14.39 22.51
N GLU A 198 28.32 -13.31 21.97
CA GLU A 198 27.09 -13.42 21.19
C GLU A 198 27.21 -12.55 19.96
N ALA A 199 26.47 -12.92 18.91
CA ALA A 199 26.45 -12.13 17.69
C ALA A 199 25.08 -12.14 17.08
N THR A 200 24.79 -11.12 16.28
CA THR A 200 23.54 -11.11 15.54
C THR A 200 23.84 -11.54 14.13
N LEU A 201 23.05 -12.49 13.62
CA LEU A 201 23.04 -12.80 12.18
C LEU A 201 21.78 -12.22 11.59
N ARG A 202 21.96 -11.44 10.52
CA ARG A 202 20.81 -10.82 9.87
C ARG A 202 20.78 -11.28 8.41
N CYS A 203 19.64 -11.88 8.05
CA CYS A 203 19.42 -12.37 6.70
C CYS A 203 18.62 -11.34 5.94
N TRP A 204 19.18 -10.85 4.83
CA TRP A 204 18.53 -9.80 4.02
C TRP A 204 17.96 -10.33 2.76
N ALA A 205 16.80 -9.81 2.37
CA ALA A 205 16.22 -10.10 1.06
C ALA A 205 15.96 -8.74 0.44
N LEU A 206 16.60 -8.48 -0.69
CA LEU A 206 16.61 -7.15 -1.20
C LEU A 206 16.11 -7.07 -2.70
N SER A 207 15.49 -6.04 -3.18
N SER A 207 15.54 -6.03 -3.10
CA SER A 207 15.22 -5.83 -4.60
CA SER A 207 15.27 -5.82 -4.51
C SER A 207 14.26 -6.84 -5.20
C SER A 207 14.31 -6.84 -5.11
N PHE A 208 13.27 -7.29 -4.42
CA PHE A 208 12.39 -8.33 -4.93
C PHE A 208 11.02 -7.81 -5.35
N TYR A 209 10.36 -8.56 -6.22
CA TYR A 209 9.01 -8.18 -6.67
C TYR A 209 8.40 -9.49 -7.18
N PRO A 210 7.15 -9.81 -6.80
N PRO A 210 7.13 -9.80 -6.85
CA PRO A 210 6.25 -8.96 -6.02
CA PRO A 210 6.21 -9.05 -6.00
C PRO A 210 6.63 -9.00 -4.54
C PRO A 210 6.62 -9.02 -4.53
N ALA A 211 5.82 -8.35 -3.71
CA ALA A 211 6.18 -8.14 -2.32
C ALA A 211 6.08 -9.39 -1.47
N GLU A 212 5.20 -10.32 -1.82
CA GLU A 212 5.02 -11.52 -0.97
C GLU A 212 6.34 -12.26 -0.85
N ILE A 213 6.71 -12.60 0.39
CA ILE A 213 7.98 -13.33 0.59
C ILE A 213 7.89 -13.97 1.98
N THR A 214 8.69 -15.01 2.21
CA THR A 214 8.79 -15.55 3.57
C THR A 214 10.27 -15.77 3.88
N LEU A 215 10.68 -15.30 5.07
CA LEU A 215 12.05 -15.47 5.59
C LEU A 215 11.92 -16.17 6.91
N THR A 216 12.69 -17.24 7.09
N THR A 216 12.71 -17.21 7.10
CA THR A 216 12.61 -17.98 8.33
CA THR A 216 12.63 -17.93 8.34
C THR A 216 13.99 -18.49 8.73
C THR A 216 14.04 -18.32 8.74
N TRP A 217 14.23 -18.54 10.03
CA TRP A 217 15.50 -19.10 10.53
C TRP A 217 15.28 -20.51 11.06
N GLN A 218 16.27 -21.37 10.84
CA GLN A 218 16.35 -22.67 11.46
C GLN A 218 17.63 -22.83 12.24
N ARG A 219 17.56 -23.68 13.26
N ARG A 219 17.57 -23.65 13.28
CA ARG A 219 18.70 -24.09 14.08
CA ARG A 219 18.77 -24.05 14.01
C ARG A 219 18.80 -25.60 14.01
C ARG A 219 18.80 -25.57 13.98
N ASP A 220 19.94 -26.11 13.52
CA ASP A 220 20.10 -27.55 13.32
C ASP A 220 18.92 -28.16 12.53
N GLY A 221 18.45 -27.41 11.52
CA GLY A 221 17.43 -27.93 10.61
C GLY A 221 16.00 -28.00 11.13
N GLU A 222 15.73 -27.31 12.23
CA GLU A 222 14.37 -27.23 12.76
C GLU A 222 14.07 -25.76 12.99
N ASP A 223 12.80 -25.36 12.96
CA ASP A 223 12.51 -23.93 13.02
C ASP A 223 12.99 -23.30 14.33
N GLN A 224 13.31 -22.01 14.22
CA GLN A 224 13.87 -21.21 15.30
C GLN A 224 12.97 -19.97 15.28
N THR A 225 11.70 -20.18 15.63
CA THR A 225 10.64 -19.21 15.33
C THR A 225 10.58 -18.11 16.36
N GLN A 226 10.61 -18.52 17.72
CA GLN A 226 10.47 -17.58 18.83
C GLN A 226 11.62 -16.61 18.96
N ASP A 227 12.77 -17.02 18.46
CA ASP A 227 13.98 -16.21 18.62
C ASP A 227 14.33 -15.36 17.40
N THR A 228 13.40 -15.27 16.46
CA THR A 228 13.59 -14.47 15.27
C THR A 228 12.94 -13.09 15.37
N GLU A 229 13.71 -12.05 15.02
CA GLU A 229 13.14 -10.71 14.83
C GLU A 229 12.99 -10.46 13.34
N LEU A 230 11.77 -10.10 12.90
CA LEU A 230 11.42 -10.00 11.47
C LEU A 230 10.76 -8.65 11.24
N VAL A 231 11.34 -7.80 10.37
CA VAL A 231 10.72 -6.51 10.02
C VAL A 231 9.69 -6.72 8.94
N GLU A 232 8.68 -5.89 8.94
N GLU A 232 8.69 -5.86 8.94
CA GLU A 232 7.68 -5.91 7.93
CA GLU A 232 7.66 -5.91 7.94
C GLU A 232 8.28 -5.55 6.56
C GLU A 232 8.25 -5.53 6.59
N THR A 233 7.73 -6.16 5.54
CA THR A 233 8.17 -5.91 4.19
C THR A 233 8.01 -4.45 3.86
N ARG A 234 9.02 -3.85 3.24
CA ARG A 234 9.02 -2.38 3.10
C ARG A 234 9.42 -2.04 1.67
N PRO A 235 8.94 -0.96 1.10
CA PRO A 235 9.29 -0.59 -0.28
C PRO A 235 10.72 -0.01 -0.33
N ALA A 236 11.46 -0.43 -1.35
CA ALA A 236 12.75 0.19 -1.59
C ALA A 236 12.64 1.65 -2.13
N GLY A 237 11.53 1.93 -2.82
CA GLY A 237 11.32 3.22 -3.47
C GLY A 237 11.51 3.20 -4.97
N ASP A 238 12.04 2.10 -5.50
CA ASP A 238 12.25 1.94 -6.94
C ASP A 238 11.31 0.88 -7.50
N GLY A 239 10.26 0.52 -6.74
CA GLY A 239 9.29 -0.43 -7.22
C GLY A 239 9.52 -1.84 -6.69
N THR A 240 10.65 -2.07 -6.04
CA THR A 240 10.92 -3.38 -5.41
C THR A 240 10.80 -3.27 -3.90
N PHE A 241 10.93 -4.41 -3.23
CA PHE A 241 10.70 -4.53 -1.81
C PHE A 241 11.92 -5.09 -1.08
N GLN A 242 11.90 -4.96 0.24
CA GLN A 242 13.00 -5.37 1.11
C GLN A 242 12.45 -6.00 2.37
N LYS A 243 13.19 -6.93 2.94
N LYS A 243 13.20 -6.91 2.95
CA LYS A 243 12.82 -7.52 4.24
CA LYS A 243 12.83 -7.52 4.22
C LYS A 243 14.10 -8.08 4.86
C LYS A 243 14.06 -8.17 4.84
N TRP A 244 14.14 -8.16 6.18
CA TRP A 244 15.21 -8.89 6.86
C TRP A 244 14.71 -9.63 8.05
N ALA A 245 15.48 -10.61 8.49
CA ALA A 245 15.16 -11.38 9.70
C ALA A 245 16.45 -11.61 10.40
N ALA A 246 16.44 -11.49 11.71
CA ALA A 246 17.67 -11.65 12.49
C ALA A 246 17.51 -12.62 13.67
N VAL A 247 18.64 -13.20 14.07
N VAL A 247 18.62 -13.23 14.04
CA VAL A 247 18.68 -14.05 15.25
CA VAL A 247 18.67 -14.01 15.27
C VAL A 247 19.98 -13.78 15.99
C VAL A 247 19.92 -13.59 16.01
N VAL A 248 19.92 -13.75 17.33
CA VAL A 248 21.12 -13.59 18.16
C VAL A 248 21.56 -15.00 18.56
N VAL A 249 22.84 -15.26 18.46
CA VAL A 249 23.38 -16.61 18.63
C VAL A 249 24.70 -16.55 19.39
N PRO A 250 25.06 -17.66 20.07
CA PRO A 250 26.37 -17.70 20.72
C PRO A 250 27.49 -17.65 19.71
N SER A 251 28.47 -16.82 19.98
N SER A 251 28.44 -16.76 19.89
CA SER A 251 29.64 -16.72 19.11
CA SER A 251 29.50 -16.69 18.89
C SER A 251 30.26 -18.10 18.96
C SER A 251 30.30 -17.99 18.92
N GLY A 252 30.59 -18.48 17.72
CA GLY A 252 31.23 -19.76 17.48
C GLY A 252 30.23 -20.81 17.03
N GLN A 253 28.93 -20.52 17.21
CA GLN A 253 27.87 -21.48 16.85
C GLN A 253 27.09 -21.05 15.61
N GLU A 254 27.61 -20.07 14.87
CA GLU A 254 26.91 -19.52 13.70
C GLU A 254 26.54 -20.58 12.66
N GLN A 255 27.38 -21.58 12.54
CA GLN A 255 27.13 -22.58 11.54
C GLN A 255 25.89 -23.44 11.74
N ARG A 256 25.33 -23.42 12.94
CA ARG A 256 24.09 -24.16 13.21
C ARG A 256 22.85 -23.53 12.57
N TYR A 257 22.95 -22.24 12.23
CA TYR A 257 21.79 -21.44 11.87
C TYR A 257 21.70 -21.24 10.38
N THR A 258 20.51 -21.46 9.83
CA THR A 258 20.30 -21.21 8.40
C THR A 258 19.10 -20.31 8.18
N CYS A 259 19.19 -19.46 7.16
CA CYS A 259 18.06 -18.63 6.76
C CYS A 259 17.46 -19.19 5.46
N HIS A 260 16.13 -19.23 5.44
CA HIS A 260 15.36 -19.83 4.36
C HIS A 260 14.48 -18.79 3.72
N VAL A 261 14.60 -18.65 2.42
CA VAL A 261 13.91 -17.59 1.69
C VAL A 261 13.02 -18.18 0.63
N GLN A 262 11.72 -17.89 0.73
CA GLN A 262 10.75 -18.40 -0.25
C GLN A 262 10.16 -17.21 -0.99
N HIS A 263 10.15 -17.28 -2.31
CA HIS A 263 9.63 -16.19 -3.12
C HIS A 263 9.28 -16.74 -4.46
N GLU A 264 8.26 -16.20 -5.12
CA GLU A 264 7.76 -16.69 -6.40
C GLU A 264 8.82 -16.68 -7.49
N GLY A 265 9.80 -15.80 -7.35
CA GLY A 265 10.87 -15.67 -8.33
C GLY A 265 11.97 -16.69 -8.16
N LEU A 266 11.84 -17.55 -7.14
CA LEU A 266 12.80 -18.63 -6.83
C LEU A 266 12.15 -19.97 -7.10
N PRO A 267 12.66 -20.72 -8.08
CA PRO A 267 12.02 -22.01 -8.34
C PRO A 267 12.14 -22.98 -7.17
N LYS A 268 13.21 -22.87 -6.38
CA LYS A 268 13.26 -23.52 -5.08
C LYS A 268 13.71 -22.50 -4.04
N PRO A 269 13.24 -22.66 -2.80
CA PRO A 269 13.66 -21.70 -1.80
C PRO A 269 15.18 -21.74 -1.60
N LEU A 270 15.74 -20.61 -1.18
CA LEU A 270 17.16 -20.51 -0.93
C LEU A 270 17.46 -20.75 0.53
N THR A 271 18.62 -21.34 0.79
CA THR A 271 19.08 -21.56 2.16
C THR A 271 20.41 -20.88 2.26
N LEU A 272 20.55 -20.01 3.25
CA LEU A 272 21.81 -19.29 3.49
C LEU A 272 22.39 -19.68 4.84
N ARG A 273 23.71 -19.76 4.89
CA ARG A 273 24.41 -20.14 6.13
C ARG A 273 25.63 -19.24 6.22
N TRP A 274 25.98 -18.84 7.43
CA TRP A 274 27.08 -17.90 7.63
C TRP A 274 28.39 -18.52 7.21
N GLN B 3 -8.95 5.11 15.71
CA GLN B 3 -7.57 5.59 15.51
C GLN B 3 -6.51 4.52 15.79
N ARG B 4 -5.53 4.43 14.87
N ARG B 4 -5.47 4.53 14.96
CA ARG B 4 -4.43 3.46 14.96
CA ARG B 4 -4.47 3.49 15.00
C ARG B 4 -3.12 4.19 14.73
C ARG B 4 -3.12 4.14 14.70
N THR B 5 -2.10 3.87 15.53
CA THR B 5 -0.87 4.66 15.47
C THR B 5 0.11 4.23 14.35
N PRO B 6 0.83 5.19 13.75
N PRO B 6 0.90 5.18 13.82
CA PRO B 6 1.77 4.77 12.70
CA PRO B 6 1.79 4.77 12.73
C PRO B 6 2.95 3.94 13.18
C PRO B 6 2.96 3.93 13.20
N LYS B 7 3.25 2.88 12.43
CA LYS B 7 4.46 2.11 12.59
C LYS B 7 5.46 2.82 11.68
N ILE B 8 6.72 2.85 12.09
CA ILE B 8 7.78 3.60 11.39
C ILE B 8 8.98 2.70 11.12
N GLN B 9 9.46 2.74 9.86
CA GLN B 9 10.80 2.24 9.53
C GLN B 9 11.60 3.32 8.84
N VAL B 10 12.86 3.48 9.27
N VAL B 10 12.83 3.52 9.28
CA VAL B 10 13.74 4.47 8.67
CA VAL B 10 13.69 4.49 8.61
C VAL B 10 14.92 3.69 8.14
C VAL B 10 14.95 3.74 8.15
N TYR B 11 15.22 3.83 6.85
CA TYR B 11 16.25 3.00 6.25
C TYR B 11 16.72 3.63 4.97
N SER B 12 17.88 3.20 4.49
CA SER B 12 18.31 3.61 3.15
C SER B 12 17.92 2.59 2.10
N ARG B 13 17.80 3.04 0.86
CA ARG B 13 17.40 2.14 -0.21
C ARG B 13 18.51 1.12 -0.46
N HIS B 14 19.76 1.59 -0.41
CA HIS B 14 20.93 0.78 -0.67
C HIS B 14 21.80 0.76 0.58
N PRO B 15 22.70 -0.24 0.71
CA PRO B 15 23.60 -0.21 1.90
C PRO B 15 24.36 1.09 1.99
N ALA B 16 24.48 1.65 3.17
CA ALA B 16 25.09 2.96 3.30
C ALA B 16 26.59 2.80 3.17
N GLU B 17 27.13 3.55 2.23
CA GLU B 17 28.58 3.62 2.06
C GLU B 17 28.95 5.10 2.02
N ASN B 18 29.80 5.54 2.93
CA ASN B 18 30.08 6.96 3.07
C ASN B 18 30.60 7.54 1.78
N GLY B 19 29.98 8.60 1.30
CA GLY B 19 30.40 9.24 0.06
C GLY B 19 29.64 8.79 -1.16
N LYS B 20 28.82 7.75 -1.00
CA LYS B 20 28.10 7.24 -2.16
C LYS B 20 26.64 7.66 -2.06
N SER B 21 26.15 8.32 -3.11
N SER B 21 26.14 8.33 -3.10
CA SER B 21 24.75 8.77 -3.14
CA SER B 21 24.75 8.79 -3.08
C SER B 21 23.78 7.62 -2.88
C SER B 21 23.78 7.62 -2.87
N ASN B 22 22.62 7.91 -2.28
CA ASN B 22 21.68 6.88 -1.83
C ASN B 22 20.34 7.57 -1.68
N PHE B 23 19.39 6.87 -1.07
CA PHE B 23 18.04 7.43 -0.78
C PHE B 23 17.71 7.08 0.62
N LEU B 24 17.28 8.09 1.39
CA LEU B 24 16.79 7.90 2.75
C LEU B 24 15.29 7.78 2.74
N ASN B 25 14.78 6.70 3.32
CA ASN B 25 13.34 6.35 3.34
C ASN B 25 12.79 6.35 4.72
N CYS B 26 11.54 6.84 4.87
CA CYS B 26 10.81 6.62 6.10
C CYS B 26 9.47 6.11 5.68
N TYR B 27 9.19 4.88 6.04
CA TYR B 27 7.97 4.17 5.65
C TYR B 27 7.07 4.14 6.85
N VAL B 28 5.90 4.76 6.70
N VAL B 28 5.87 4.65 6.66
CA VAL B 28 4.91 4.80 7.76
CA VAL B 28 4.93 4.83 7.75
C VAL B 28 3.70 3.99 7.35
C VAL B 28 3.67 4.06 7.38
N SER B 29 3.19 3.18 8.25
CA SER B 29 2.10 2.30 7.86
C SER B 29 1.23 1.95 9.08
N GLY B 30 0.10 1.32 8.82
CA GLY B 30 -0.79 0.83 9.87
C GLY B 30 -1.55 1.88 10.62
N PHE B 31 -1.62 3.11 10.08
CA PHE B 31 -2.26 4.24 10.79
C PHE B 31 -3.64 4.60 10.24
N HIS B 32 -4.43 5.23 11.09
CA HIS B 32 -5.74 5.77 10.71
C HIS B 32 -6.05 6.84 11.74
N PRO B 33 -6.54 8.02 11.33
CA PRO B 33 -6.88 8.46 9.96
C PRO B 33 -5.63 8.81 9.14
N SER B 34 -5.84 9.27 7.90
CA SER B 34 -4.72 9.40 6.97
C SER B 34 -3.89 10.67 7.17
N ASP B 35 -4.42 11.71 7.78
N ASP B 35 -4.43 11.68 7.82
CA ASP B 35 -3.65 12.96 7.95
CA ASP B 35 -3.67 12.91 8.11
C ASP B 35 -2.47 12.69 8.90
C ASP B 35 -2.41 12.50 8.85
N ILE B 36 -1.26 13.01 8.42
CA ILE B 36 -0.03 12.65 9.10
C ILE B 36 1.02 13.66 8.68
N GLU B 37 1.95 13.96 9.58
CA GLU B 37 3.09 14.83 9.25
C GLU B 37 4.36 14.03 9.36
N VAL B 38 5.14 13.92 8.28
CA VAL B 38 6.38 13.16 8.31
C VAL B 38 7.49 14.05 7.77
N ASP B 39 8.59 14.11 8.53
CA ASP B 39 9.77 14.85 8.13
C ASP B 39 10.97 13.98 8.26
N LEU B 40 11.90 14.19 7.35
CA LEU B 40 13.21 13.54 7.50
C LEU B 40 14.15 14.62 8.06
N LEU B 41 14.98 14.25 9.04
CA LEU B 41 15.85 15.21 9.73
C LEU B 41 17.30 14.86 9.49
N LYS B 42 18.12 15.88 9.27
CA LYS B 42 19.56 15.68 9.18
C LYS B 42 20.20 16.50 10.30
N ASN B 43 20.92 15.82 11.22
CA ASN B 43 21.48 16.47 12.39
C ASN B 43 20.46 17.36 13.08
N GLY B 44 19.23 16.86 13.16
CA GLY B 44 18.16 17.53 13.87
C GLY B 44 17.32 18.47 13.07
N GLU B 45 17.74 18.79 11.86
CA GLU B 45 17.08 19.87 11.08
C GLU B 45 16.27 19.25 9.95
N ARG B 46 15.08 19.75 9.74
CA ARG B 46 14.20 19.27 8.69
C ARG B 46 14.84 19.39 7.32
N ILE B 47 14.77 18.31 6.55
CA ILE B 47 15.26 18.29 5.17
C ILE B 47 14.16 18.83 4.28
N GLU B 48 14.50 19.75 3.39
CA GLU B 48 13.52 20.30 2.48
C GLU B 48 13.30 19.44 1.23
N LYS B 49 12.13 19.59 0.60
N LYS B 49 12.14 19.58 0.61
CA LYS B 49 11.88 18.95 -0.69
CA LYS B 49 11.91 18.94 -0.68
C LYS B 49 11.82 17.42 -0.62
C LYS B 49 11.85 17.43 -0.61
N VAL B 50 11.58 16.89 0.57
CA VAL B 50 11.30 15.46 0.69
C VAL B 50 10.00 15.14 -0.04
N GLU B 51 9.99 14.03 -0.75
CA GLU B 51 8.82 13.61 -1.52
C GLU B 51 8.15 12.44 -0.84
N HIS B 52 6.94 12.11 -1.29
CA HIS B 52 6.23 10.97 -0.73
C HIS B 52 5.39 10.31 -1.78
N SER B 53 5.12 9.04 -1.51
CA SER B 53 4.23 8.26 -2.37
C SER B 53 2.81 8.69 -2.24
N ASP B 54 1.97 8.23 -3.17
CA ASP B 54 0.55 8.59 -3.16
C ASP B 54 -0.16 7.71 -2.12
N LEU B 55 -1.03 8.30 -1.29
CA LEU B 55 -1.69 7.58 -0.21
C LEU B 55 -2.46 6.35 -0.69
N SER B 56 -2.17 5.22 -0.06
CA SER B 56 -2.88 3.99 -0.33
C SER B 56 -3.09 3.28 1.00
N PHE B 57 -3.72 2.12 0.95
CA PHE B 57 -4.08 1.44 2.19
C PHE B 57 -4.10 -0.04 1.99
N SER B 58 -4.01 -0.73 3.12
N SER B 58 -3.99 -0.76 3.09
CA SER B 58 -3.99 -2.19 3.16
CA SER B 58 -3.98 -2.22 3.04
C SER B 58 -5.39 -2.77 3.39
C SER B 58 -5.38 -2.80 3.14
N LYS B 59 -5.45 -4.10 3.39
CA LYS B 59 -6.73 -4.82 3.52
C LYS B 59 -7.56 -4.40 4.72
N ASP B 60 -6.88 -4.14 5.83
CA ASP B 60 -7.55 -3.67 7.05
C ASP B 60 -7.88 -2.20 7.07
N TRP B 61 -7.67 -1.54 5.93
CA TRP B 61 -8.00 -0.12 5.71
C TRP B 61 -6.97 0.85 6.27
N SER B 62 -5.91 0.36 6.90
CA SER B 62 -4.90 1.26 7.43
C SER B 62 -4.02 1.77 6.32
N PHE B 63 -3.57 3.00 6.46
CA PHE B 63 -2.82 3.70 5.42
C PHE B 63 -1.33 3.40 5.47
N TYR B 64 -0.68 3.60 4.33
CA TYR B 64 0.78 3.56 4.28
C TYR B 64 1.28 4.60 3.28
N LEU B 65 2.45 5.16 3.63
CA LEU B 65 3.13 6.20 2.82
C LEU B 65 4.62 5.97 2.93
N LEU B 66 5.35 6.23 1.85
CA LEU B 66 6.80 6.27 1.88
C LEU B 66 7.22 7.73 1.65
N TYR B 67 8.05 8.23 2.54
CA TYR B 67 8.69 9.56 2.37
C TYR B 67 10.16 9.32 2.06
N TYR B 68 10.74 10.12 1.19
CA TYR B 68 12.10 9.76 0.73
C TYR B 68 12.82 10.98 0.18
N THR B 69 14.14 10.93 0.26
CA THR B 69 14.98 11.96 -0.32
C THR B 69 16.31 11.37 -0.73
N GLU B 70 16.91 11.96 -1.74
CA GLU B 70 18.28 11.59 -2.12
C GLU B 70 19.22 12.15 -1.07
N PHE B 71 20.21 11.37 -0.70
CA PHE B 71 21.23 11.84 0.21
C PHE B 71 22.54 11.08 0.01
N THR B 72 23.62 11.67 0.50
CA THR B 72 24.95 11.03 0.49
C THR B 72 25.39 10.90 1.94
N PRO B 73 25.35 9.68 2.48
CA PRO B 73 25.78 9.51 3.85
C PRO B 73 27.23 9.91 4.04
N THR B 74 27.53 10.52 5.17
CA THR B 74 28.91 10.76 5.56
C THR B 74 29.12 10.18 6.96
N GLU B 75 30.36 10.15 7.42
CA GLU B 75 30.65 9.52 8.70
C GLU B 75 29.94 10.20 9.87
N LYS B 76 29.91 11.54 9.84
CA LYS B 76 29.47 12.30 11.00
C LYS B 76 27.98 12.61 11.02
N ASP B 77 27.35 12.67 9.86
CA ASP B 77 25.94 13.07 9.80
C ASP B 77 24.98 12.05 10.39
N GLU B 78 23.98 12.56 11.13
CA GLU B 78 22.96 11.70 11.75
C GLU B 78 21.64 12.00 11.08
N TYR B 79 20.78 10.98 10.93
CA TYR B 79 19.46 11.21 10.31
C TYR B 79 18.39 10.59 11.15
N ALA B 80 17.15 11.02 10.93
CA ALA B 80 16.03 10.49 11.68
C ALA B 80 14.78 10.81 10.91
N CYS B 81 13.69 10.19 11.33
CA CYS B 81 12.39 10.47 10.73
C CYS B 81 11.48 10.91 11.86
N ARG B 82 10.78 12.01 11.65
CA ARG B 82 9.87 12.57 12.65
C ARG B 82 8.42 12.47 12.17
N VAL B 83 7.57 11.92 13.01
CA VAL B 83 6.19 11.63 12.60
C VAL B 83 5.23 12.21 13.62
N ASN B 84 4.24 12.96 13.16
CA ASN B 84 3.18 13.38 14.06
C ASN B 84 1.86 12.89 13.51
N HIS B 85 0.97 12.53 14.42
CA HIS B 85 -0.30 11.92 14.05
C HIS B 85 -1.22 12.15 15.23
N VAL B 86 -2.51 12.22 14.95
CA VAL B 86 -3.47 12.48 16.01
C VAL B 86 -3.38 11.48 17.16
N THR B 87 -2.92 10.27 16.86
CA THR B 87 -2.82 9.24 17.89
C THR B 87 -1.61 9.40 18.79
N LEU B 88 -0.75 10.36 18.49
CA LEU B 88 0.46 10.58 19.29
C LEU B 88 0.45 11.87 20.10
N SER B 89 0.89 11.78 21.36
CA SER B 89 0.93 12.96 22.24
C SER B 89 1.95 14.01 21.81
N GLN B 90 3.06 13.56 21.23
CA GLN B 90 3.99 14.48 20.59
C GLN B 90 4.69 13.68 19.52
N PRO B 91 5.39 14.39 18.63
CA PRO B 91 6.03 13.71 17.50
C PRO B 91 6.95 12.55 17.92
N LYS B 92 6.84 11.45 17.19
CA LYS B 92 7.72 10.29 17.37
C LYS B 92 8.94 10.46 16.47
N ILE B 93 10.12 10.32 17.05
CA ILE B 93 11.32 10.49 16.23
C ILE B 93 12.19 9.23 16.33
N VAL B 94 12.46 8.65 15.16
CA VAL B 94 13.24 7.41 15.06
C VAL B 94 14.52 7.64 14.33
N LYS B 95 15.63 7.35 15.01
CA LYS B 95 16.94 7.53 14.42
C LYS B 95 17.18 6.52 13.28
N TRP B 96 17.81 6.99 12.21
CA TRP B 96 18.34 6.07 11.19
C TRP B 96 19.56 5.30 11.71
N ASP B 97 19.38 4.00 11.86
N ASP B 97 19.38 3.99 11.87
CA ASP B 97 20.49 3.14 12.24
CA ASP B 97 20.45 3.06 12.18
C ASP B 97 20.91 2.44 10.95
C ASP B 97 20.90 2.46 10.87
N ARG B 98 22.15 2.70 10.53
CA ARG B 98 22.66 2.20 9.26
C ARG B 98 22.52 0.67 9.01
N ASP B 99 22.52 -0.15 10.07
CA ASP B 99 22.42 -1.61 9.88
C ASP B 99 20.99 -2.16 9.66
N PHE C 1 -8.55 0.71 -15.67
CA PHE C 1 -9.72 1.37 -16.30
C PHE C 1 -10.85 1.39 -15.27
N LEU C 2 -11.24 2.58 -14.83
CA LEU C 2 -12.23 2.71 -13.79
C LEU C 2 -13.61 2.25 -14.26
N ASN C 3 -14.41 1.84 -13.28
CA ASN C 3 -15.84 1.63 -13.53
C ASN C 3 -16.59 2.95 -13.54
N LYS C 4 -17.78 2.94 -14.12
CA LYS C 4 -18.70 4.09 -13.95
C LYS C 4 -19.39 4.02 -12.59
N ASP C 5 -19.98 5.12 -12.15
CA ASP C 5 -20.74 5.11 -10.89
C ASP C 5 -22.04 4.30 -11.01
N LEU C 6 -22.53 3.76 -9.90
CA LEU C 6 -23.78 2.99 -9.92
C LEU C 6 -24.88 3.87 -10.46
N GLU C 7 -25.58 3.40 -11.51
CA GLU C 7 -26.60 4.20 -12.16
C GLU C 7 -27.80 3.32 -12.49
N VAL C 8 -29.01 3.83 -12.26
CA VAL C 8 -30.23 3.11 -12.60
C VAL C 8 -31.24 4.10 -13.12
N ASP C 9 -31.79 3.83 -14.30
CA ASP C 9 -32.83 4.69 -14.87
C ASP C 9 -32.35 6.14 -15.00
N GLY C 10 -31.12 6.32 -15.47
CA GLY C 10 -30.56 7.65 -15.67
C GLY C 10 -30.04 8.38 -14.43
N HIS C 11 -30.20 7.78 -13.26
CA HIS C 11 -29.87 8.46 -12.01
C HIS C 11 -28.90 7.66 -11.20
N PHE C 12 -27.92 8.35 -10.64
CA PHE C 12 -26.90 7.69 -9.86
C PHE C 12 -27.43 7.21 -8.51
N VAL C 13 -26.86 6.12 -8.00
CA VAL C 13 -27.34 5.51 -6.77
C VAL C 13 -26.17 5.47 -5.79
N THR C 14 -26.27 6.22 -4.70
CA THR C 14 -25.18 6.36 -3.73
C THR C 14 -25.56 5.59 -2.44
N MET C 15 -24.73 5.63 -1.41
CA MET C 15 -25.06 4.90 -0.18
C MET C 15 -26.30 5.38 0.53
#